data_7E86
#
_entry.id   7E86
#
_cell.length_a   82.413
_cell.length_b   148.699
_cell.length_c   147.767
_cell.angle_alpha   90.000
_cell.angle_beta   90.000
_cell.angle_gamma   90.000
#
_symmetry.space_group_name_H-M   'C 2 2 21'
#
loop_
_entity.id
_entity.type
_entity.pdbx_description
1 polymer 'Spike protein S1'
2 polymer 'BD-508 Fab Heavy Chain'
3 polymer 'BD-508 Fab Light Chain'
#
loop_
_entity_poly.entity_id
_entity_poly.type
_entity_poly.pdbx_seq_one_letter_code
_entity_poly.pdbx_strand_id
1 'polypeptide(L)'
;TNLCPFGEVFNATRFASVYAWNRKRISNCVADYSVLYNSASFSTFKCYGVSPTKLNDLCFTNVYADSFVIRGDEVRQIAP
GQTGKIADYNYKLPDDFTGCVIAWNSNNLDSKVGGNYNYLYRLFRKSNLKPFERDISTEIYQAGSTPCNGVEGFNCYFPL
QSYGFQPTNGVGYQPYRVVVLSFELLHAPATVCGH
;
C
2 'polypeptide(L)'
;EVQLVESGGGLVQPGGSLRLSCAASGFIVSSNYMTWVRQAPGKGLEWVSVIYSGGSTFYADSVKGRFTISRHNSKNTLFL
QMNSLRAEDTAVYYCARDAQNYGMDVWGQGTTVTVSSASTKGPSVFPLAPSSKSTSGGTAALGCLVKDYFPEPVTVSWNS
GALTSGVHTFPAVLQSSGLYSLSSVVTVPSSSLGTQTYICNVNHKPSNTKVDKKVEPKSCDK
;
A
3 'polypeptide(L)'
;DIQMTQSPSSLSASVGDRVTITCRASQSISSYLNWYQQKPGKAPKLLIFAASSLQTGAPSRFSGSGSGTDFTLTISSLQP
EDFATYYCQQSYSTPPYTFGQGTKLEIKRTVAAPSVFIFPPSDEQLKSGTASVVCLLNNFYPREAKVQWKVDNALQSGNS
QESVTEQDSKDSTYSLSSTLTLSKADYEKHKVYACEVTHQGLSSPVTKSFNRGEC
;
B
#
# COMPACT_ATOMS: atom_id res chain seq x y z
N ASN A 2 53.26 25.49 -7.04
CA ASN A 2 52.22 24.91 -7.89
C ASN A 2 51.31 23.99 -7.05
N LEU A 3 50.45 24.61 -6.25
CA LEU A 3 49.46 23.91 -5.44
C LEU A 3 48.27 23.47 -6.29
N CYS A 4 47.59 22.38 -5.84
CA CYS A 4 46.51 21.85 -6.66
C CYS A 4 45.22 22.61 -6.38
N PRO A 5 44.44 22.90 -7.45
CA PRO A 5 43.26 23.78 -7.36
C PRO A 5 42.05 23.12 -6.70
N PHE A 6 42.28 22.44 -5.58
CA PHE A 6 41.17 21.82 -4.88
C PHE A 6 40.14 22.87 -4.48
N GLY A 7 40.61 24.09 -4.20
CA GLY A 7 39.69 25.19 -3.97
C GLY A 7 38.66 25.32 -5.08
N GLU A 8 39.09 25.34 -6.33
CA GLU A 8 38.17 25.60 -7.43
C GLU A 8 37.08 24.57 -7.56
N VAL A 9 37.21 23.40 -6.97
CA VAL A 9 36.17 22.39 -7.04
C VAL A 9 35.32 22.37 -5.77
N PHE A 10 35.96 22.39 -4.59
CA PHE A 10 35.22 22.31 -3.34
C PHE A 10 34.44 23.59 -3.06
N ASN A 11 35.13 24.74 -3.07
CA ASN A 11 34.52 26.01 -2.71
C ASN A 11 33.84 26.67 -3.90
N ALA A 12 33.40 25.90 -4.89
CA ALA A 12 32.80 26.48 -6.08
C ALA A 12 31.37 26.93 -5.84
N THR A 13 30.94 27.95 -6.60
CA THR A 13 29.65 28.60 -6.43
C THR A 13 28.51 27.77 -6.99
N ARG A 14 28.68 27.20 -8.17
CA ARG A 14 27.67 26.39 -8.79
C ARG A 14 28.17 24.95 -8.85
N PHE A 15 27.32 24.00 -8.43
CA PHE A 15 27.54 22.58 -8.65
C PHE A 15 26.55 22.10 -9.70
N ALA A 16 26.90 20.97 -10.30
CA ALA A 16 26.15 20.39 -11.40
C ALA A 16 25.14 19.37 -10.88
N SER A 17 24.07 19.18 -11.65
CA SER A 17 23.18 18.06 -11.41
C SER A 17 23.94 16.74 -11.55
N VAL A 18 23.59 15.76 -10.71
CA VAL A 18 24.30 14.48 -10.73
C VAL A 18 24.32 13.86 -12.14
N TYR A 19 23.23 13.99 -12.89
CA TYR A 19 23.20 13.30 -14.17
C TYR A 19 24.25 13.85 -15.12
N ALA A 20 24.59 15.13 -15.00
CA ALA A 20 25.61 15.74 -15.83
C ALA A 20 26.72 16.25 -14.94
N TRP A 21 27.30 15.34 -14.14
CA TRP A 21 28.35 15.69 -13.20
C TRP A 21 29.56 16.26 -13.92
N ASN A 22 30.27 17.17 -13.22
CA ASN A 22 31.51 17.80 -13.70
C ASN A 22 32.71 16.99 -13.26
N ARG A 23 33.71 16.90 -14.14
CA ARG A 23 34.99 16.24 -13.85
C ARG A 23 36.12 17.25 -14.04
N LYS A 24 36.91 17.48 -12.99
CA LYS A 24 38.12 18.29 -13.07
C LYS A 24 39.31 17.34 -13.00
N ARG A 25 40.18 17.39 -14.01
CA ARG A 25 41.44 16.65 -14.03
C ARG A 25 42.55 17.46 -13.36
N ILE A 26 43.37 16.81 -12.56
CA ILE A 26 44.33 17.50 -11.72
C ILE A 26 45.70 16.94 -12.01
N SER A 27 46.63 17.84 -12.31
CA SER A 27 47.88 17.45 -12.96
C SER A 27 48.92 18.54 -12.74
N ASN A 28 50.17 18.11 -12.49
CA ASN A 28 51.32 18.98 -12.32
C ASN A 28 51.14 19.95 -11.16
N CYS A 29 51.09 19.39 -9.95
CA CYS A 29 50.88 20.22 -8.77
C CYS A 29 51.11 19.42 -7.50
N VAL A 30 51.13 20.13 -6.38
CA VAL A 30 51.30 19.56 -5.06
C VAL A 30 49.98 19.69 -4.31
N ALA A 31 49.71 18.76 -3.40
CA ALA A 31 48.38 18.61 -2.83
C ALA A 31 48.46 18.28 -1.34
N ASP A 32 48.14 19.25 -0.48
CA ASP A 32 47.94 18.96 0.94
C ASP A 32 46.56 18.34 1.11
N TYR A 33 46.52 17.03 1.27
CA TYR A 33 45.29 16.28 1.47
C TYR A 33 44.79 16.36 2.91
N SER A 34 45.37 17.20 3.75
CA SER A 34 44.89 17.32 5.11
C SER A 34 44.30 18.69 5.42
N VAL A 35 44.44 19.67 4.53
CA VAL A 35 43.53 20.81 4.57
C VAL A 35 42.10 20.35 4.31
N LEU A 36 41.94 19.16 3.72
CA LEU A 36 40.62 18.61 3.48
C LEU A 36 40.19 17.68 4.60
N TYR A 37 41.00 16.69 4.98
CA TYR A 37 40.57 15.73 6.02
C TYR A 37 40.36 16.40 7.37
N ASN A 38 41.29 17.27 7.77
CA ASN A 38 41.14 18.00 9.02
C ASN A 38 40.43 19.32 8.72
N SER A 39 39.11 19.23 8.59
CA SER A 39 38.28 20.42 8.45
C SER A 39 37.01 20.39 9.30
N ALA A 40 36.47 19.21 9.64
CA ALA A 40 35.21 19.09 10.40
C ALA A 40 34.06 19.82 9.72
N SER A 41 34.14 19.98 8.40
CA SER A 41 33.12 20.64 7.61
C SER A 41 32.47 19.69 6.62
N PHE A 42 32.83 18.41 6.63
CA PHE A 42 32.22 17.41 5.78
C PHE A 42 31.47 16.44 6.66
N SER A 43 30.29 15.99 6.20
CA SER A 43 29.52 14.98 6.92
C SER A 43 29.86 13.56 6.50
N THR A 44 30.39 13.37 5.30
CA THR A 44 30.77 12.08 4.77
C THR A 44 32.14 12.20 4.13
N PHE A 45 33.08 11.34 4.53
CA PHE A 45 34.41 11.37 3.93
C PHE A 45 35.10 10.04 4.11
N LYS A 46 34.67 9.06 3.30
CA LYS A 46 35.08 7.67 3.36
C LYS A 46 36.03 7.42 2.19
N CYS A 47 37.17 6.76 2.46
CA CYS A 47 38.16 6.49 1.43
C CYS A 47 38.32 4.99 1.27
N TYR A 48 38.47 4.55 0.02
CA TYR A 48 38.39 3.13 -0.33
C TYR A 48 39.76 2.54 -0.66
N GLY A 49 40.40 2.95 -1.74
CA GLY A 49 41.65 2.27 -2.09
C GLY A 49 42.90 2.73 -1.36
N VAL A 50 42.73 3.46 -0.26
CA VAL A 50 43.80 4.31 0.28
C VAL A 50 43.39 4.71 1.70
N SER A 51 44.29 5.38 2.42
CA SER A 51 44.00 5.88 3.75
C SER A 51 44.48 7.33 3.83
N PRO A 52 43.62 8.25 4.28
CA PRO A 52 43.92 9.69 4.13
C PRO A 52 45.25 10.09 4.75
N THR A 53 45.65 9.40 5.81
CA THR A 53 46.89 9.71 6.51
C THR A 53 48.11 9.60 5.59
N LYS A 54 48.10 8.60 4.69
CA LYS A 54 49.24 8.36 3.82
C LYS A 54 49.14 9.14 2.52
N LEU A 55 48.11 9.98 2.37
CA LEU A 55 47.87 10.63 1.10
C LEU A 55 48.93 11.69 0.80
N ASN A 56 49.40 12.39 1.83
CA ASN A 56 50.52 13.32 1.69
C ASN A 56 51.88 12.63 1.61
N ASP A 57 51.92 11.29 1.62
CA ASP A 57 53.13 10.52 1.39
C ASP A 57 53.04 9.72 0.10
N LEU A 58 52.17 10.13 -0.82
CA LEU A 58 51.97 9.38 -2.05
C LEU A 58 51.97 10.30 -3.26
N CYS A 59 52.35 9.74 -4.40
CA CYS A 59 52.29 10.43 -5.68
C CYS A 59 51.43 9.62 -6.63
N PHE A 60 50.66 10.32 -7.46
CA PHE A 60 49.75 9.69 -8.42
C PHE A 60 49.88 10.35 -9.78
N THR A 61 49.76 9.53 -10.82
CA THR A 61 49.87 10.00 -12.20
C THR A 61 48.85 11.09 -12.49
N ASN A 62 47.59 10.84 -12.16
CA ASN A 62 46.54 11.85 -12.31
C ASN A 62 45.49 11.64 -11.23
N VAL A 63 44.88 12.76 -10.82
CA VAL A 63 43.78 12.77 -9.86
C VAL A 63 42.59 13.43 -10.53
N TYR A 64 41.41 12.83 -10.39
CA TYR A 64 40.17 13.36 -10.94
C TYR A 64 39.21 13.71 -9.80
N ALA A 65 38.63 14.91 -9.86
CA ALA A 65 37.68 15.38 -8.86
C ALA A 65 36.32 15.56 -9.54
N ASP A 66 35.37 14.68 -9.23
CA ASP A 66 34.02 14.77 -9.78
C ASP A 66 33.07 15.33 -8.73
N SER A 67 32.14 16.20 -9.17
CA SER A 67 31.29 16.92 -8.23
C SER A 67 29.87 17.07 -8.76
N PHE A 68 28.92 17.09 -7.84
CA PHE A 68 27.49 17.12 -8.17
C PHE A 68 26.72 17.29 -6.86
N VAL A 69 25.40 17.40 -6.98
CA VAL A 69 24.52 17.50 -5.84
C VAL A 69 23.51 16.38 -5.95
N ILE A 70 22.94 16.03 -4.79
CA ILE A 70 22.29 14.74 -4.59
C ILE A 70 21.55 14.88 -3.27
N ARG A 71 20.59 14.00 -3.01
CA ARG A 71 19.93 14.03 -1.71
C ARG A 71 20.75 13.34 -0.64
N GLY A 72 20.57 13.79 0.60
CA GLY A 72 21.21 13.13 1.74
C GLY A 72 20.96 11.63 1.78
N ASP A 73 19.72 11.21 1.52
CA ASP A 73 19.52 9.76 1.56
C ASP A 73 20.14 9.05 0.36
N GLU A 74 20.71 9.77 -0.60
CA GLU A 74 21.33 9.18 -1.77
C GLU A 74 22.86 9.17 -1.72
N VAL A 75 23.49 9.78 -0.71
CA VAL A 75 24.95 9.76 -0.62
C VAL A 75 25.46 8.35 -0.39
N ARG A 76 24.66 7.51 0.28
CA ARG A 76 24.96 6.10 0.46
C ARG A 76 25.21 5.34 -0.85
N GLN A 77 24.65 5.82 -1.97
CA GLN A 77 24.89 5.14 -3.23
C GLN A 77 26.24 5.47 -3.86
N ILE A 78 26.94 6.48 -3.37
CA ILE A 78 28.23 6.87 -3.94
C ILE A 78 29.32 6.05 -3.26
N ALA A 79 29.20 4.74 -3.38
CA ALA A 79 30.16 3.78 -2.87
C ALA A 79 30.26 2.67 -3.90
N PRO A 80 31.35 1.90 -3.88
CA PRO A 80 31.44 0.77 -4.80
C PRO A 80 30.40 -0.26 -4.42
N GLY A 81 29.78 -0.85 -5.43
CA GLY A 81 28.94 -2.01 -5.25
C GLY A 81 27.49 -1.73 -4.89
N GLN A 82 27.03 -0.51 -5.07
CA GLN A 82 25.68 -0.13 -4.69
C GLN A 82 24.78 -0.11 -5.90
N THR A 83 23.48 -0.16 -5.62
CA THR A 83 22.42 -0.01 -6.61
C THR A 83 21.42 1.06 -6.14
N GLY A 84 20.47 1.38 -7.00
CA GLY A 84 19.61 2.53 -6.79
C GLY A 84 19.63 3.45 -7.99
N LYS A 85 18.70 4.41 -7.98
CA LYS A 85 18.52 5.26 -9.15
C LYS A 85 19.76 6.11 -9.45
N ILE A 86 20.45 6.58 -8.41
CA ILE A 86 21.66 7.38 -8.63
C ILE A 86 22.82 6.49 -9.05
N ALA A 87 23.03 5.38 -8.35
CA ALA A 87 24.13 4.49 -8.72
C ALA A 87 23.90 3.88 -10.08
N ASP A 88 22.63 3.59 -10.42
CA ASP A 88 22.35 2.85 -11.65
C ASP A 88 22.32 3.77 -12.86
N TYR A 89 21.73 4.95 -12.77
CA TYR A 89 21.49 5.76 -13.94
C TYR A 89 22.16 7.12 -13.96
N ASN A 90 23.00 7.45 -12.96
CA ASN A 90 23.56 8.79 -12.87
C ASN A 90 25.06 8.80 -12.70
N TYR A 91 25.57 8.15 -11.65
CA TYR A 91 26.99 8.14 -11.33
C TYR A 91 27.32 6.79 -10.71
N LYS A 92 28.23 6.03 -11.34
CA LYS A 92 28.55 4.68 -10.92
C LYS A 92 30.02 4.57 -10.58
N LEU A 93 30.31 4.10 -9.38
CA LEU A 93 31.67 3.81 -8.94
C LEU A 93 32.01 2.34 -9.19
N PRO A 94 33.23 2.08 -9.66
CA PRO A 94 33.62 0.70 -9.98
C PRO A 94 33.80 -0.14 -8.72
N ASP A 95 33.62 -1.46 -8.86
CA ASP A 95 33.83 -2.35 -7.73
C ASP A 95 35.25 -2.23 -7.19
N ASP A 96 36.22 -2.01 -8.07
CA ASP A 96 37.64 -1.94 -7.74
C ASP A 96 38.14 -0.50 -7.61
N PHE A 97 37.44 0.29 -6.81
CA PHE A 97 37.65 1.74 -6.73
C PHE A 97 38.74 2.08 -5.74
N THR A 98 39.64 2.96 -6.15
CA THR A 98 40.70 3.50 -5.30
C THR A 98 40.56 5.02 -5.26
N GLY A 99 39.96 5.55 -4.19
CA GLY A 99 39.71 6.98 -4.12
C GLY A 99 38.98 7.39 -2.86
N CYS A 100 38.39 8.60 -2.91
CA CYS A 100 37.74 9.21 -1.76
C CYS A 100 36.42 9.84 -2.16
N VAL A 101 35.40 9.67 -1.32
CA VAL A 101 34.06 10.24 -1.52
C VAL A 101 33.74 11.20 -0.39
N ILE A 102 33.56 12.47 -0.73
CA ILE A 102 33.42 13.57 0.23
C ILE A 102 32.07 14.22 0.01
N ALA A 103 31.25 14.32 1.05
CA ALA A 103 30.02 15.08 0.94
C ALA A 103 29.82 16.03 2.11
N TRP A 104 28.98 17.04 1.91
CA TRP A 104 28.61 17.94 3.00
C TRP A 104 27.19 18.43 2.76
N ASN A 105 26.51 18.83 3.87
CA ASN A 105 25.14 19.34 3.76
C ASN A 105 25.16 20.71 3.12
N SER A 106 24.27 20.90 2.14
CA SER A 106 24.26 22.03 1.22
C SER A 106 22.93 22.78 1.23
N ASN A 107 22.13 22.60 2.30
CA ASN A 107 20.79 23.18 2.29
C ASN A 107 20.85 24.71 2.21
N ASN A 108 21.84 25.33 2.86
CA ASN A 108 21.90 26.79 2.92
C ASN A 108 22.15 27.41 1.55
N LEU A 109 22.78 26.68 0.64
CA LEU A 109 23.14 27.24 -0.65
C LEU A 109 22.27 26.75 -1.80
N ASP A 110 21.56 25.63 -1.62
CA ASP A 110 20.89 24.95 -2.73
C ASP A 110 19.38 24.77 -2.52
N SER A 111 18.76 25.54 -1.62
CA SER A 111 17.32 25.41 -1.37
C SER A 111 16.50 26.68 -1.66
N ASN A 118 15.47 22.86 -11.73
CA ASN A 118 16.71 23.20 -11.01
C ASN A 118 17.65 21.97 -11.06
N TYR A 119 18.03 21.41 -9.91
CA TYR A 119 18.85 20.20 -9.91
C TYR A 119 18.03 18.98 -10.34
N LEU A 120 18.55 18.21 -11.29
CA LEU A 120 17.84 17.04 -11.78
C LEU A 120 18.65 15.75 -11.58
N TYR A 121 18.00 14.63 -11.92
CA TYR A 121 18.61 13.32 -11.93
C TYR A 121 17.89 12.47 -12.97
N ARG A 122 18.59 11.47 -13.51
CA ARG A 122 17.99 10.62 -14.53
C ARG A 122 17.17 9.51 -13.89
N LEU A 123 15.92 9.40 -14.33
CA LEU A 123 14.98 8.44 -13.78
C LEU A 123 14.78 7.22 -14.67
N PHE A 124 15.05 7.36 -15.98
CA PHE A 124 14.70 6.35 -16.95
C PHE A 124 15.92 6.03 -17.81
N ARG A 125 16.30 4.74 -17.87
CA ARG A 125 17.37 4.24 -18.72
C ARG A 125 17.12 2.74 -18.90
N LYS A 126 17.50 2.18 -20.06
CA LYS A 126 17.21 0.76 -20.21
C LYS A 126 18.24 -0.15 -19.55
N SER A 127 19.44 0.35 -19.30
CA SER A 127 20.49 -0.47 -18.73
C SER A 127 21.30 0.34 -17.75
N ASN A 128 21.94 -0.29 -16.78
CA ASN A 128 22.66 0.43 -15.78
C ASN A 128 23.89 1.05 -16.35
N LEU A 129 24.33 2.13 -15.72
CA LEU A 129 25.50 2.85 -16.20
C LEU A 129 26.78 2.12 -15.93
N LYS A 130 27.74 2.28 -16.82
CA LYS A 130 29.06 1.71 -16.55
C LYS A 130 29.80 2.64 -15.59
N PRO A 131 30.83 2.15 -14.92
CA PRO A 131 31.61 3.03 -14.04
C PRO A 131 32.14 4.24 -14.80
N PHE A 132 31.94 5.42 -14.21
CA PHE A 132 32.39 6.68 -14.79
C PHE A 132 31.74 7.01 -16.14
N GLU A 133 30.59 6.40 -16.46
CA GLU A 133 29.82 6.82 -17.62
C GLU A 133 29.00 8.07 -17.28
N ARG A 134 28.84 8.95 -18.28
CA ARG A 134 28.14 10.23 -18.13
C ARG A 134 27.15 10.35 -19.28
N ASP A 135 25.87 10.28 -18.96
CA ASP A 135 24.78 10.32 -19.93
C ASP A 135 24.05 11.65 -19.78
N ILE A 136 24.23 12.52 -20.77
CA ILE A 136 23.54 13.79 -20.82
C ILE A 136 22.29 13.77 -21.69
N SER A 137 22.06 12.67 -22.43
CA SER A 137 20.94 12.56 -23.37
C SER A 137 19.62 12.99 -22.74
N THR A 138 18.90 13.87 -23.46
CA THR A 138 17.52 14.22 -23.13
C THR A 138 16.50 13.66 -24.14
N GLU A 139 16.85 12.59 -24.86
CA GLU A 139 15.88 11.90 -25.70
C GLU A 139 14.71 11.41 -24.87
N ILE A 140 13.50 11.59 -25.40
CA ILE A 140 12.32 10.98 -24.77
C ILE A 140 12.52 9.47 -24.75
N TYR A 141 12.19 8.86 -23.62
CA TYR A 141 12.51 7.46 -23.33
C TYR A 141 11.41 6.52 -23.83
N GLN A 142 11.83 5.42 -24.43
CA GLN A 142 10.89 4.53 -25.11
C GLN A 142 10.60 3.35 -24.20
N ALA A 143 9.43 3.38 -23.55
CA ALA A 143 9.08 2.32 -22.62
C ALA A 143 8.18 1.28 -23.25
N GLY A 144 7.84 1.43 -24.53
CA GLY A 144 7.15 0.38 -25.26
C GLY A 144 7.88 0.03 -26.54
N SER A 145 7.18 -0.63 -27.45
CA SER A 145 7.78 -0.89 -28.75
C SER A 145 7.48 0.22 -29.76
N THR A 146 6.59 1.14 -29.42
CA THR A 146 6.27 2.25 -30.29
C THR A 146 7.28 3.39 -30.12
N PRO A 147 7.81 3.95 -31.21
CA PRO A 147 8.72 5.09 -31.09
C PRO A 147 8.03 6.34 -30.57
N CYS A 148 8.79 7.17 -29.87
CA CYS A 148 8.24 8.28 -29.10
C CYS A 148 8.27 9.60 -29.85
N ASN A 149 9.27 9.79 -30.72
CA ASN A 149 9.27 10.89 -31.69
C ASN A 149 9.31 12.26 -31.00
N GLY A 150 10.14 12.38 -29.96
CA GLY A 150 10.22 13.62 -29.20
C GLY A 150 8.92 14.00 -28.51
N VAL A 151 7.91 13.14 -28.63
CA VAL A 151 6.58 13.37 -28.09
C VAL A 151 6.46 12.69 -26.72
N GLU A 152 6.06 13.46 -25.72
CA GLU A 152 5.89 12.97 -24.36
C GLU A 152 4.44 12.52 -24.15
N GLY A 153 4.25 11.26 -23.80
CA GLY A 153 2.93 10.72 -23.55
C GLY A 153 3.03 9.29 -23.08
N PHE A 154 1.96 8.52 -23.27
CA PHE A 154 1.93 7.11 -22.88
C PHE A 154 3.14 6.36 -23.45
N ASN A 155 3.73 5.47 -22.63
CA ASN A 155 5.00 4.77 -22.87
C ASN A 155 6.15 5.70 -23.31
N CYS A 156 6.04 7.01 -23.08
CA CYS A 156 6.93 7.99 -23.71
C CYS A 156 7.31 9.06 -22.70
N TYR A 157 8.35 8.81 -21.91
CA TYR A 157 8.62 9.61 -20.72
C TYR A 157 9.86 10.47 -20.89
N PHE A 158 9.80 11.67 -20.33
CA PHE A 158 11.01 12.47 -20.18
C PHE A 158 11.94 11.80 -19.17
N PRO A 159 13.23 11.67 -19.48
CA PRO A 159 14.12 10.87 -18.64
C PRO A 159 14.61 11.55 -17.37
N LEU A 160 14.63 12.88 -17.28
CA LEU A 160 15.15 13.56 -16.10
C LEU A 160 14.02 14.16 -15.28
N GLN A 161 14.01 13.89 -13.97
CA GLN A 161 13.10 14.60 -13.07
C GLN A 161 13.86 15.41 -12.03
N SER A 162 13.15 16.39 -11.46
CA SER A 162 13.73 17.42 -10.60
C SER A 162 13.75 16.96 -9.15
N TYR A 163 14.86 17.22 -8.48
CA TYR A 163 14.85 17.19 -7.03
C TYR A 163 14.05 18.39 -6.56
N GLY A 164 13.12 18.19 -5.66
CA GLY A 164 12.39 19.39 -5.32
C GLY A 164 12.98 20.05 -4.09
N PHE A 165 14.22 20.52 -4.16
CA PHE A 165 14.95 20.81 -2.93
C PHE A 165 14.28 21.93 -2.15
N GLN A 166 13.82 21.61 -0.95
CA GLN A 166 12.98 22.51 -0.17
C GLN A 166 13.52 22.55 1.25
N PRO A 167 13.90 23.74 1.73
CA PRO A 167 14.75 23.87 2.95
C PRO A 167 14.21 23.22 4.21
N THR A 168 12.90 23.11 4.34
CA THR A 168 12.31 22.59 5.56
C THR A 168 12.20 21.08 5.58
N ASN A 169 12.63 20.38 4.54
CA ASN A 169 12.58 18.92 4.59
C ASN A 169 13.64 18.41 5.56
N GLY A 170 13.43 17.17 6.03
CA GLY A 170 14.41 16.53 6.88
C GLY A 170 15.73 16.35 6.16
N VAL A 171 16.80 16.14 6.94
CA VAL A 171 18.13 16.03 6.36
C VAL A 171 18.19 15.01 5.23
N GLY A 172 17.36 13.98 5.29
CA GLY A 172 17.39 12.94 4.27
C GLY A 172 17.04 13.43 2.87
N TYR A 173 16.28 14.52 2.75
CA TYR A 173 15.81 15.01 1.46
C TYR A 173 16.38 16.39 1.15
N GLN A 174 17.38 16.81 1.87
CA GLN A 174 18.07 18.06 1.67
C GLN A 174 19.25 17.87 0.74
N PRO A 175 19.63 18.89 -0.02
CA PRO A 175 20.76 18.74 -0.95
C PRO A 175 22.07 18.54 -0.22
N TYR A 176 22.89 17.65 -0.76
CA TYR A 176 24.25 17.45 -0.30
C TYR A 176 25.17 17.67 -1.48
N ARG A 177 26.29 18.34 -1.26
CA ARG A 177 27.31 18.44 -2.28
C ARG A 177 28.35 17.34 -2.08
N VAL A 178 28.75 16.73 -3.19
CA VAL A 178 29.64 15.57 -3.18
C VAL A 178 30.84 15.85 -4.09
N VAL A 179 32.02 15.47 -3.62
CA VAL A 179 33.22 15.41 -4.44
C VAL A 179 33.77 13.99 -4.35
N VAL A 180 33.96 13.34 -5.50
CA VAL A 180 34.61 12.03 -5.58
C VAL A 180 36.02 12.26 -6.08
N LEU A 181 37.02 11.89 -5.27
CA LEU A 181 38.42 11.98 -5.67
C LEU A 181 38.89 10.62 -6.18
N SER A 182 39.29 10.58 -7.43
CA SER A 182 39.72 9.36 -8.08
C SER A 182 41.22 9.45 -8.21
N PHE A 183 41.94 8.41 -7.81
CA PHE A 183 43.41 8.41 -7.77
C PHE A 183 43.94 7.36 -8.72
N GLU A 184 44.50 7.76 -9.88
CA GLU A 184 45.06 6.76 -10.78
C GLU A 184 46.58 6.74 -10.75
N LEU A 185 47.14 5.53 -10.71
CA LEU A 185 48.56 5.28 -10.91
C LEU A 185 48.74 4.63 -12.26
N LEU A 186 49.54 5.23 -13.11
CA LEU A 186 49.77 4.67 -14.43
C LEU A 186 51.27 4.45 -14.59
N HIS A 187 51.66 3.88 -15.74
CA HIS A 187 53.08 3.77 -16.06
C HIS A 187 53.49 5.00 -16.86
N ALA A 188 53.57 6.11 -16.13
CA ALA A 188 53.80 7.43 -16.69
C ALA A 188 54.26 8.35 -15.58
N PRO A 189 54.98 9.41 -15.91
CA PRO A 189 55.50 10.31 -14.87
C PRO A 189 54.42 10.94 -13.99
N ALA A 190 54.37 10.52 -12.72
CA ALA A 190 53.48 11.12 -11.72
C ALA A 190 53.56 12.64 -11.73
N THR A 191 52.43 13.28 -11.51
CA THR A 191 52.35 14.73 -11.54
C THR A 191 51.62 15.33 -10.35
N VAL A 192 51.03 14.51 -9.48
CA VAL A 192 50.31 14.98 -8.31
C VAL A 192 50.93 14.31 -7.09
N CYS A 193 51.70 15.10 -6.32
CA CYS A 193 52.52 14.59 -5.23
C CYS A 193 52.12 15.30 -3.95
N GLY A 194 51.59 14.55 -2.99
CA GLY A 194 51.30 15.10 -1.69
C GLY A 194 52.57 15.29 -0.87
N HIS A 195 52.65 16.45 -0.23
CA HIS A 195 53.82 16.79 0.55
C HIS A 195 53.45 18.09 1.18
N VAL B 2 -3.55 -2.96 -23.84
CA VAL B 2 -2.77 -2.42 -22.73
C VAL B 2 -3.26 -3.03 -21.42
N GLN B 3 -2.65 -4.14 -21.01
CA GLN B 3 -3.19 -4.89 -19.89
C GLN B 3 -2.10 -5.67 -19.18
N LEU B 4 -2.36 -5.98 -17.90
CA LEU B 4 -1.56 -6.90 -17.13
C LEU B 4 -2.45 -8.04 -16.66
N VAL B 5 -2.02 -9.28 -16.91
CA VAL B 5 -2.77 -10.49 -16.57
C VAL B 5 -2.00 -11.26 -15.51
N GLU B 6 -2.55 -11.32 -14.29
CA GLU B 6 -1.85 -11.96 -13.20
C GLU B 6 -2.27 -13.43 -13.12
N SER B 7 -1.66 -14.17 -12.20
CA SER B 7 -1.92 -15.59 -12.12
C SER B 7 -1.12 -16.18 -10.96
N GLY B 8 -1.55 -17.36 -10.53
CA GLY B 8 -0.73 -18.20 -9.69
C GLY B 8 -1.05 -18.14 -8.22
N GLY B 9 -2.06 -17.40 -7.83
CA GLY B 9 -2.45 -17.41 -6.45
C GLY B 9 -3.09 -18.74 -6.07
N GLY B 10 -3.21 -18.96 -4.77
CA GLY B 10 -3.96 -20.10 -4.27
C GLY B 10 -3.81 -20.23 -2.78
N LEU B 11 -4.25 -21.37 -2.28
CA LEU B 11 -4.04 -21.74 -0.89
C LEU B 11 -2.69 -22.43 -0.76
N VAL B 12 -2.01 -22.14 0.32
CA VAL B 12 -0.80 -22.86 0.72
C VAL B 12 -0.73 -22.88 2.23
N GLN B 13 0.22 -23.51 2.73
CA GLN B 13 0.09 -23.63 4.15
C GLN B 13 1.30 -22.90 4.77
N PRO B 14 1.31 -22.41 6.03
CA PRO B 14 2.44 -21.58 6.44
C PRO B 14 3.77 -22.30 6.28
N GLY B 15 4.79 -21.53 5.89
CA GLY B 15 6.06 -22.10 5.51
C GLY B 15 6.13 -22.64 4.09
N GLY B 16 5.06 -22.55 3.33
CA GLY B 16 5.05 -23.06 1.97
C GLY B 16 5.63 -22.09 0.96
N SER B 17 5.24 -22.31 -0.29
CA SER B 17 5.86 -21.60 -1.40
C SER B 17 4.81 -21.42 -2.49
N LEU B 18 5.04 -20.43 -3.34
CA LEU B 18 4.04 -20.00 -4.29
C LEU B 18 4.73 -19.08 -5.29
N ARG B 19 4.20 -19.02 -6.51
CA ARG B 19 4.84 -18.25 -7.56
C ARG B 19 3.81 -17.53 -8.40
N LEU B 20 3.85 -16.20 -8.37
CA LEU B 20 2.90 -15.34 -9.03
C LEU B 20 3.47 -14.87 -10.36
N SER B 21 2.61 -14.73 -11.37
CA SER B 21 3.05 -14.41 -12.71
C SER B 21 2.17 -13.32 -13.26
N CYS B 22 2.76 -12.46 -14.09
CA CYS B 22 2.04 -11.30 -14.60
C CYS B 22 2.54 -11.04 -16.02
N ALA B 23 1.63 -11.20 -16.99
CA ALA B 23 1.93 -11.11 -18.41
C ALA B 23 1.45 -9.77 -18.96
N ALA B 24 2.27 -9.14 -19.80
CA ALA B 24 2.06 -7.74 -20.18
C ALA B 24 1.78 -7.58 -21.67
N SER B 25 0.87 -6.67 -22.01
CA SER B 25 0.48 -6.49 -23.40
C SER B 25 0.97 -5.21 -24.06
N GLY B 26 0.71 -4.03 -23.47
CA GLY B 26 1.02 -2.80 -24.19
C GLY B 26 2.32 -2.06 -23.91
N PHE B 27 3.35 -2.74 -23.41
CA PHE B 27 4.62 -2.10 -23.11
C PHE B 27 5.63 -3.21 -22.90
N ILE B 28 6.88 -2.84 -22.67
CA ILE B 28 7.97 -3.80 -22.48
C ILE B 28 8.39 -3.81 -21.02
N VAL B 29 8.25 -4.99 -20.39
CA VAL B 29 8.48 -5.10 -18.96
C VAL B 29 9.94 -4.79 -18.64
N SER B 30 10.86 -5.22 -19.51
CA SER B 30 12.27 -4.96 -19.26
C SER B 30 12.66 -3.50 -19.47
N SER B 31 11.78 -2.69 -20.04
CA SER B 31 12.06 -1.28 -20.22
C SER B 31 11.46 -0.42 -19.10
N ASN B 32 10.90 -1.04 -18.06
CA ASN B 32 10.02 -0.34 -17.12
C ASN B 32 10.33 -0.70 -15.67
N TYR B 33 9.87 0.18 -14.77
CA TYR B 33 9.78 -0.12 -13.34
C TYR B 33 8.55 -1.00 -13.14
N MET B 34 8.71 -2.21 -12.62
CA MET B 34 7.58 -3.10 -12.42
C MET B 34 7.46 -3.40 -10.93
N THR B 35 6.30 -3.11 -10.37
CA THR B 35 6.15 -3.12 -8.94
C THR B 35 5.12 -4.16 -8.54
N TRP B 36 5.32 -4.77 -7.37
CA TRP B 36 4.39 -5.70 -6.75
C TRP B 36 3.80 -5.05 -5.50
N VAL B 37 2.47 -5.03 -5.42
CA VAL B 37 1.73 -4.33 -4.38
C VAL B 37 0.66 -5.28 -3.85
N ARG B 38 0.50 -5.33 -2.53
CA ARG B 38 -0.52 -6.20 -1.95
C ARG B 38 -1.47 -5.41 -1.06
N GLN B 39 -2.64 -6.01 -0.83
CA GLN B 39 -3.73 -5.41 -0.05
C GLN B 39 -4.35 -6.50 0.80
N ALA B 40 -4.18 -6.42 2.13
CA ALA B 40 -4.81 -7.38 3.03
C ALA B 40 -6.31 -7.08 3.18
N PRO B 41 -7.09 -8.07 3.65
CA PRO B 41 -8.52 -7.85 3.86
C PRO B 41 -8.86 -6.64 4.72
N GLY B 42 -9.42 -5.60 4.10
CA GLY B 42 -9.81 -4.41 4.82
C GLY B 42 -8.72 -3.41 5.10
N LYS B 43 -7.55 -3.57 4.50
CA LYS B 43 -6.45 -2.64 4.69
C LYS B 43 -6.15 -1.94 3.36
N GLY B 44 -5.07 -1.17 3.36
CA GLY B 44 -4.65 -0.43 2.19
C GLY B 44 -3.58 -1.14 1.41
N LEU B 45 -3.03 -0.42 0.44
CA LEU B 45 -2.06 -0.97 -0.49
C LEU B 45 -0.67 -0.87 0.13
N GLU B 46 0.01 -2.00 0.33
CA GLU B 46 1.39 -1.94 0.77
C GLU B 46 2.29 -2.43 -0.36
N TRP B 47 3.45 -1.82 -0.43
CA TRP B 47 4.47 -2.18 -1.41
C TRP B 47 5.13 -3.51 -1.03
N VAL B 48 5.50 -4.30 -2.03
CA VAL B 48 6.21 -5.55 -1.75
C VAL B 48 7.59 -5.60 -2.40
N SER B 49 7.62 -5.43 -3.73
CA SER B 49 8.85 -5.57 -4.49
C SER B 49 8.81 -4.65 -5.70
N VAL B 50 10.00 -4.24 -6.16
CA VAL B 50 10.11 -3.51 -7.41
C VAL B 50 11.39 -3.95 -8.12
N ILE B 51 11.31 -4.07 -9.42
CA ILE B 51 12.46 -4.30 -10.29
C ILE B 51 12.69 -3.04 -11.10
N TYR B 52 13.94 -2.62 -11.17
CA TYR B 52 14.31 -1.50 -12.02
C TYR B 52 14.57 -2.00 -13.43
N SER B 53 14.38 -1.11 -14.40
CA SER B 53 14.65 -1.47 -15.79
C SER B 53 16.07 -2.01 -15.99
N GLY B 54 17.06 -1.44 -15.29
CA GLY B 54 18.44 -1.89 -15.42
C GLY B 54 18.78 -3.18 -14.70
N GLY B 55 17.85 -3.70 -13.91
CA GLY B 55 18.00 -4.99 -13.23
C GLY B 55 17.85 -4.92 -11.73
N SER B 56 18.23 -3.80 -11.13
CA SER B 56 18.27 -3.70 -9.67
C SER B 56 16.90 -3.98 -9.08
N THR B 57 16.88 -4.69 -7.96
CA THR B 57 15.63 -5.05 -7.30
C THR B 57 15.65 -4.58 -5.85
N PHE B 58 14.47 -4.26 -5.34
CA PHE B 58 14.34 -3.78 -3.98
C PHE B 58 13.10 -4.40 -3.35
N TYR B 59 13.09 -4.45 -2.01
CA TYR B 59 12.09 -5.24 -1.30
C TYR B 59 11.61 -4.54 -0.05
N ALA B 60 10.35 -4.76 0.29
CA ALA B 60 9.78 -4.28 1.53
C ALA B 60 10.39 -5.03 2.71
N ASP B 61 10.64 -4.31 3.81
CA ASP B 61 11.42 -4.87 4.91
C ASP B 61 10.79 -6.14 5.48
N SER B 62 9.46 -6.24 5.42
CA SER B 62 8.70 -7.39 5.92
C SER B 62 8.84 -8.61 5.05
N VAL B 63 9.66 -8.54 4.01
CA VAL B 63 9.62 -9.50 2.93
C VAL B 63 11.03 -9.87 2.48
N LYS B 64 12.07 -9.10 2.86
CA LYS B 64 13.37 -9.40 2.28
C LYS B 64 13.81 -10.79 2.69
N GLY B 65 14.62 -11.42 1.83
CA GLY B 65 15.13 -12.75 2.11
C GLY B 65 14.15 -13.87 1.90
N ARG B 66 12.90 -13.60 1.56
CA ARG B 66 11.91 -14.63 1.28
C ARG B 66 11.29 -14.52 -0.09
N PHE B 67 11.11 -13.32 -0.63
CA PHE B 67 10.54 -13.17 -1.96
C PHE B 67 11.61 -12.77 -2.96
N THR B 68 11.33 -13.07 -4.23
CA THR B 68 12.20 -12.69 -5.33
C THR B 68 11.37 -12.18 -6.52
N ILE B 69 11.54 -10.92 -6.87
CA ILE B 69 10.98 -10.41 -8.12
C ILE B 69 11.98 -10.71 -9.23
N SER B 70 11.45 -10.98 -10.42
CA SER B 70 12.29 -11.41 -11.53
C SER B 70 11.46 -11.27 -12.80
N ARG B 71 12.07 -11.57 -13.94
CA ARG B 71 11.34 -11.40 -15.18
C ARG B 71 12.04 -12.17 -16.29
N HIS B 72 11.24 -12.69 -17.21
CA HIS B 72 11.74 -13.25 -18.46
C HIS B 72 11.37 -12.28 -19.57
N ASN B 73 12.41 -11.76 -20.23
CA ASN B 73 12.20 -10.81 -21.32
C ASN B 73 11.41 -11.45 -22.44
N SER B 74 11.63 -12.74 -22.67
CA SER B 74 11.06 -13.48 -23.80
C SER B 74 9.55 -13.36 -23.90
N LYS B 75 8.86 -13.03 -22.82
CA LYS B 75 7.42 -13.22 -22.76
C LYS B 75 6.68 -12.02 -22.20
N ASN B 76 7.34 -10.85 -22.09
CA ASN B 76 6.93 -9.84 -21.12
C ASN B 76 6.23 -10.42 -19.90
N THR B 77 6.92 -11.23 -19.11
CA THR B 77 6.31 -11.75 -17.90
C THR B 77 7.10 -11.35 -16.67
N LEU B 78 6.39 -10.74 -15.73
CA LEU B 78 6.94 -10.41 -14.42
C LEU B 78 6.59 -11.53 -13.44
N PHE B 79 7.53 -11.85 -12.56
CA PHE B 79 7.37 -12.93 -11.60
C PHE B 79 7.65 -12.46 -10.18
N LEU B 80 6.98 -13.11 -9.22
CA LEU B 80 7.29 -12.99 -7.80
C LEU B 80 7.35 -14.39 -7.21
N GLN B 81 8.47 -14.71 -6.56
CA GLN B 81 8.68 -16.02 -5.96
C GLN B 81 8.50 -15.90 -4.46
N MET B 82 7.42 -16.47 -3.97
CA MET B 82 7.04 -16.33 -2.58
C MET B 82 7.41 -17.61 -1.84
N ASN B 83 8.47 -17.52 -1.02
CA ASN B 83 8.97 -18.63 -0.19
C ASN B 83 8.77 -18.29 1.27
N SER B 84 8.79 -19.33 2.12
CA SER B 84 8.61 -19.20 3.56
C SER B 84 7.43 -18.28 3.90
N LEU B 85 6.28 -18.65 3.34
CA LEU B 85 5.08 -17.84 3.51
C LEU B 85 4.60 -17.92 4.95
N ARG B 86 4.05 -16.81 5.42
CA ARG B 86 3.45 -16.69 6.73
C ARG B 86 2.00 -16.22 6.55
N ALA B 87 1.18 -16.38 7.59
CA ALA B 87 -0.22 -15.95 7.48
C ALA B 87 -0.33 -14.46 7.19
N GLU B 88 0.58 -13.67 7.76
CA GLU B 88 0.90 -12.27 7.47
C GLU B 88 0.67 -11.93 6.02
N ASP B 89 1.26 -12.76 5.14
CA ASP B 89 1.28 -12.53 3.70
C ASP B 89 -0.07 -12.77 3.04
N THR B 90 -1.10 -13.19 3.77
CA THR B 90 -2.42 -13.34 3.16
C THR B 90 -2.93 -11.97 2.70
N ALA B 91 -3.28 -11.88 1.42
CA ALA B 91 -3.71 -10.64 0.77
C ALA B 91 -3.98 -10.89 -0.71
N VAL B 92 -4.46 -9.86 -1.42
CA VAL B 92 -4.50 -9.85 -2.88
C VAL B 92 -3.26 -9.16 -3.42
N TYR B 93 -2.58 -9.80 -4.35
CA TYR B 93 -1.36 -9.24 -4.93
C TYR B 93 -1.63 -8.63 -6.30
N TYR B 94 -1.04 -7.46 -6.55
CA TYR B 94 -1.14 -6.77 -7.82
C TYR B 94 0.24 -6.51 -8.39
N CYS B 95 0.41 -6.71 -9.69
CA CYS B 95 1.51 -6.09 -10.40
C CYS B 95 1.05 -4.76 -10.96
N ALA B 96 1.98 -3.84 -11.12
CA ALA B 96 1.69 -2.58 -11.78
C ALA B 96 2.96 -2.02 -12.40
N ARG B 97 2.79 -1.33 -13.52
CA ARG B 97 3.88 -0.60 -14.16
C ARG B 97 3.94 0.79 -13.52
N ASP B 98 5.08 1.12 -12.92
CA ASP B 98 5.29 2.45 -12.34
C ASP B 98 5.96 3.35 -13.37
N ALA B 99 5.23 4.33 -13.89
CA ALA B 99 5.82 5.39 -14.69
C ALA B 99 6.18 6.59 -13.83
N GLN B 100 6.45 6.34 -12.55
CA GLN B 100 6.95 7.33 -11.60
C GLN B 100 6.17 8.64 -11.65
N ASN B 101 6.73 9.66 -12.32
CA ASN B 101 6.09 10.96 -12.32
C ASN B 101 4.68 10.87 -12.89
N TYR B 102 4.51 10.02 -13.90
CA TYR B 102 3.27 9.86 -14.63
C TYR B 102 2.34 8.85 -13.98
N GLY B 103 2.69 8.30 -12.82
CA GLY B 103 1.79 7.49 -12.06
C GLY B 103 1.82 6.02 -12.44
N MET B 104 1.25 5.21 -11.55
CA MET B 104 1.15 3.77 -11.73
C MET B 104 -0.10 3.54 -12.56
N ASP B 105 0.06 3.20 -13.84
CA ASP B 105 -1.02 3.43 -14.78
C ASP B 105 -1.63 2.15 -15.34
N VAL B 106 -0.91 1.03 -15.27
CA VAL B 106 -1.41 -0.27 -15.68
C VAL B 106 -1.36 -1.17 -14.46
N TRP B 107 -2.53 -1.62 -14.01
CA TRP B 107 -2.63 -2.44 -12.82
C TRP B 107 -3.16 -3.82 -13.21
N GLY B 108 -2.73 -4.84 -12.48
CA GLY B 108 -3.25 -6.16 -12.70
C GLY B 108 -4.65 -6.32 -12.14
N GLN B 109 -5.31 -7.39 -12.57
CA GLN B 109 -6.61 -7.78 -12.02
C GLN B 109 -6.54 -8.08 -10.53
N GLY B 110 -5.40 -8.54 -10.03
CA GLY B 110 -5.34 -9.02 -8.67
C GLY B 110 -5.45 -10.53 -8.59
N THR B 111 -4.52 -11.17 -7.92
CA THR B 111 -4.60 -12.60 -7.64
C THR B 111 -4.49 -12.78 -6.12
N THR B 112 -5.24 -13.75 -5.59
CA THR B 112 -5.43 -13.88 -4.15
C THR B 112 -4.55 -14.98 -3.57
N VAL B 113 -3.84 -14.64 -2.49
CA VAL B 113 -2.87 -15.53 -1.85
C VAL B 113 -3.28 -15.77 -0.41
N THR B 114 -3.56 -17.02 -0.07
CA THR B 114 -4.10 -17.33 1.26
C THR B 114 -3.11 -18.25 1.95
N VAL B 115 -2.67 -17.87 3.14
CA VAL B 115 -1.72 -18.66 3.91
C VAL B 115 -2.38 -19.03 5.23
N SER B 116 -2.55 -20.34 5.46
CA SER B 116 -3.29 -20.79 6.61
C SER B 116 -2.94 -22.26 6.86
N SER B 117 -2.92 -22.65 8.12
CA SER B 117 -2.77 -24.05 8.43
C SER B 117 -4.10 -24.73 8.71
N ALA B 118 -5.21 -24.02 8.51
CA ALA B 118 -6.50 -24.63 8.76
C ALA B 118 -6.77 -25.75 7.75
N SER B 119 -7.71 -26.61 8.09
CA SER B 119 -8.17 -27.66 7.17
C SER B 119 -9.50 -27.22 6.60
N THR B 120 -9.81 -27.65 5.37
CA THR B 120 -11.10 -27.22 4.84
C THR B 120 -12.16 -27.95 5.66
N LYS B 121 -13.15 -27.20 6.13
CA LYS B 121 -14.20 -27.68 7.01
C LYS B 121 -15.49 -27.03 6.56
N GLY B 122 -16.56 -27.84 6.46
CA GLY B 122 -17.88 -27.31 6.24
C GLY B 122 -18.43 -26.66 7.49
N PRO B 123 -19.32 -25.69 7.32
CA PRO B 123 -19.83 -24.96 8.48
C PRO B 123 -20.83 -25.80 9.25
N SER B 124 -20.97 -25.44 10.52
CA SER B 124 -22.12 -25.82 11.32
C SER B 124 -23.08 -24.65 11.29
N VAL B 125 -24.32 -24.91 10.86
CA VAL B 125 -25.36 -23.89 10.71
C VAL B 125 -26.27 -23.97 11.92
N PHE B 126 -26.34 -22.89 12.67
CA PHE B 126 -27.18 -22.86 13.84
C PHE B 126 -28.32 -21.86 13.65
N PRO B 127 -29.41 -22.02 14.39
CA PRO B 127 -30.51 -21.05 14.28
C PRO B 127 -30.33 -19.85 15.20
N LEU B 128 -30.63 -18.69 14.64
CA LEU B 128 -30.75 -17.43 15.38
C LEU B 128 -32.24 -17.18 15.44
N ALA B 129 -32.86 -17.75 16.46
CA ALA B 129 -34.30 -17.91 16.54
C ALA B 129 -35.00 -16.62 16.91
N PRO B 130 -36.24 -16.41 16.45
CA PRO B 130 -36.94 -15.15 16.76
C PRO B 130 -37.36 -15.14 18.22
N SER B 131 -37.87 -14.00 18.64
CA SER B 131 -38.15 -13.85 20.05
C SER B 131 -39.54 -13.29 20.32
N SER B 132 -39.78 -12.91 21.57
CA SER B 132 -41.11 -12.65 22.11
C SER B 132 -41.37 -11.16 22.33
N GLY B 138 -43.85 -5.20 16.49
CA GLY B 138 -44.46 -5.24 15.17
C GLY B 138 -43.68 -6.05 14.15
N THR B 139 -42.34 -5.92 14.21
CA THR B 139 -41.42 -6.60 13.31
C THR B 139 -40.52 -7.54 14.14
N ALA B 140 -40.02 -8.60 13.49
CA ALA B 140 -39.26 -9.65 14.16
C ALA B 140 -38.07 -10.07 13.30
N ALA B 141 -36.92 -10.29 13.94
CA ALA B 141 -35.70 -10.69 13.26
C ALA B 141 -35.39 -12.14 13.56
N LEU B 142 -34.97 -12.87 12.53
CA LEU B 142 -34.46 -14.21 12.68
C LEU B 142 -33.28 -14.36 11.74
N GLY B 143 -32.48 -15.39 11.97
CA GLY B 143 -31.34 -15.56 11.09
C GLY B 143 -30.71 -16.91 11.27
N CYS B 144 -29.56 -17.09 10.60
CA CYS B 144 -28.71 -18.25 10.74
C CYS B 144 -27.30 -17.83 11.15
N LEU B 145 -26.62 -18.74 11.84
CA LEU B 145 -25.24 -18.56 12.24
C LEU B 145 -24.43 -19.65 11.55
N VAL B 146 -23.54 -19.23 10.67
CA VAL B 146 -22.76 -20.13 9.83
C VAL B 146 -21.37 -20.15 10.45
N LYS B 147 -21.12 -21.12 11.32
CA LYS B 147 -19.94 -21.09 12.18
C LYS B 147 -18.95 -22.19 11.81
N ASP B 148 -17.68 -21.82 11.69
CA ASP B 148 -16.54 -22.73 11.60
C ASP B 148 -16.39 -23.39 10.23
N TYR B 149 -15.94 -22.63 9.23
CA TYR B 149 -15.77 -23.14 7.88
C TYR B 149 -14.49 -22.59 7.30
N PHE B 150 -13.99 -23.26 6.26
CA PHE B 150 -12.75 -22.89 5.59
C PHE B 150 -12.64 -23.61 4.27
N PRO B 151 -12.17 -22.97 3.18
CA PRO B 151 -11.71 -21.60 2.93
C PRO B 151 -12.87 -20.70 2.74
N GLU B 152 -12.66 -19.58 2.08
CA GLU B 152 -13.53 -18.44 2.26
C GLU B 152 -14.94 -18.51 1.68
N PRO B 153 -15.16 -18.95 0.43
CA PRO B 153 -16.47 -18.69 -0.20
C PRO B 153 -17.64 -19.41 0.48
N VAL B 154 -18.54 -18.69 1.16
CA VAL B 154 -19.83 -19.25 1.61
C VAL B 154 -20.97 -18.34 1.21
N THR B 155 -22.01 -18.92 0.61
CA THR B 155 -23.17 -18.17 0.13
C THR B 155 -24.40 -18.66 0.87
N VAL B 156 -25.32 -17.73 1.15
CA VAL B 156 -26.51 -17.99 1.95
C VAL B 156 -27.72 -17.42 1.21
N SER B 157 -28.82 -18.18 1.20
CA SER B 157 -30.09 -17.70 0.67
C SER B 157 -31.19 -18.11 1.64
N TRP B 158 -32.43 -17.63 1.38
CA TRP B 158 -33.56 -17.90 2.24
C TRP B 158 -34.73 -18.43 1.43
N ASN B 159 -35.37 -19.49 1.93
CA ASN B 159 -36.53 -20.11 1.28
C ASN B 159 -36.24 -20.38 -0.20
N SER B 160 -35.04 -20.91 -0.44
CA SER B 160 -34.55 -21.22 -1.76
C SER B 160 -34.60 -20.04 -2.72
N GLY B 161 -34.76 -18.82 -2.18
CA GLY B 161 -34.64 -17.61 -2.99
C GLY B 161 -35.85 -16.70 -2.93
N ALA B 162 -36.97 -17.23 -2.45
CA ALA B 162 -38.20 -16.48 -2.46
C ALA B 162 -38.32 -15.49 -1.29
N LEU B 163 -37.22 -15.19 -0.60
CA LEU B 163 -37.24 -14.24 0.50
C LEU B 163 -35.96 -13.41 0.40
N THR B 164 -36.08 -12.18 -0.08
CA THR B 164 -34.94 -11.28 -0.23
C THR B 164 -35.09 -9.99 0.54
N SER B 165 -36.31 -9.58 0.85
CA SER B 165 -36.50 -8.29 1.49
C SER B 165 -36.10 -8.37 2.95
N GLY B 166 -35.15 -7.53 3.34
CA GLY B 166 -34.72 -7.47 4.71
C GLY B 166 -33.64 -8.47 5.07
N VAL B 167 -33.23 -9.32 4.12
CA VAL B 167 -32.08 -10.18 4.31
C VAL B 167 -30.81 -9.34 4.35
N HIS B 168 -30.00 -9.55 5.37
CA HIS B 168 -28.63 -9.05 5.44
C HIS B 168 -27.71 -10.23 5.72
N THR B 169 -26.86 -10.59 4.76
CA THR B 169 -25.80 -11.55 5.00
C THR B 169 -24.50 -10.78 5.24
N PHE B 170 -23.90 -10.99 6.40
CA PHE B 170 -22.74 -10.19 6.77
C PHE B 170 -21.46 -10.79 6.19
N PRO B 171 -20.45 -9.94 5.98
CA PRO B 171 -19.11 -10.45 5.65
C PRO B 171 -18.63 -11.44 6.70
N ALA B 172 -17.74 -12.35 6.29
CA ALA B 172 -17.22 -13.32 7.23
C ALA B 172 -16.13 -12.71 8.09
N VAL B 173 -15.98 -13.25 9.31
CA VAL B 173 -14.87 -12.90 10.18
C VAL B 173 -13.97 -14.11 10.36
N LEU B 174 -12.68 -13.86 10.48
CA LEU B 174 -11.69 -14.90 10.69
C LEU B 174 -11.38 -14.98 12.18
N GLN B 175 -11.70 -16.12 12.79
CA GLN B 175 -11.52 -16.35 14.21
C GLN B 175 -10.08 -16.76 14.52
N SER B 176 -9.73 -16.69 15.81
CA SER B 176 -8.39 -17.12 16.25
C SER B 176 -8.07 -18.53 15.84
N SER B 177 -9.10 -19.37 15.65
CA SER B 177 -8.91 -20.75 15.19
C SER B 177 -8.53 -20.84 13.73
N GLY B 178 -8.54 -19.74 12.98
CA GLY B 178 -8.28 -19.83 11.57
C GLY B 178 -9.45 -20.25 10.74
N LEU B 179 -10.63 -20.38 11.35
CA LEU B 179 -11.87 -20.66 10.65
C LEU B 179 -12.73 -19.39 10.57
N TYR B 180 -13.60 -19.35 9.56
CA TYR B 180 -14.50 -18.22 9.36
C TYR B 180 -15.86 -18.46 10.01
N SER B 181 -16.49 -17.38 10.45
CA SER B 181 -17.92 -17.40 10.75
C SER B 181 -18.61 -16.28 9.98
N LEU B 182 -19.93 -16.40 9.85
CA LEU B 182 -20.79 -15.29 9.46
C LEU B 182 -22.21 -15.65 9.83
N SER B 183 -23.10 -14.67 9.73
CA SER B 183 -24.51 -14.86 9.95
C SER B 183 -25.26 -14.16 8.83
N SER B 184 -26.47 -14.62 8.54
CA SER B 184 -27.38 -13.86 7.72
C SER B 184 -28.66 -13.79 8.49
N VAL B 185 -29.31 -12.65 8.39
CA VAL B 185 -30.39 -12.31 9.29
C VAL B 185 -31.49 -11.79 8.38
N VAL B 186 -32.74 -11.79 8.87
CA VAL B 186 -33.83 -11.24 8.06
C VAL B 186 -34.90 -10.67 8.98
N THR B 187 -35.52 -9.57 8.57
CA THR B 187 -36.66 -9.05 9.32
C THR B 187 -37.96 -9.44 8.62
N VAL B 188 -38.95 -9.80 9.42
CA VAL B 188 -40.25 -10.26 8.91
C VAL B 188 -41.33 -9.72 9.84
N PRO B 189 -42.57 -9.69 9.36
CA PRO B 189 -43.66 -9.37 10.27
C PRO B 189 -43.76 -10.42 11.38
N SER B 190 -43.95 -9.93 12.62
CA SER B 190 -44.16 -10.82 13.76
C SER B 190 -45.41 -11.67 13.55
N SER B 191 -46.43 -11.09 12.91
CA SER B 191 -47.68 -11.80 12.68
C SER B 191 -47.50 -13.09 11.86
N SER B 192 -46.47 -13.17 11.01
CA SER B 192 -46.25 -14.35 10.18
C SER B 192 -45.54 -15.47 10.92
N LEU B 193 -45.14 -15.22 12.16
CA LEU B 193 -44.09 -16.01 12.80
C LEU B 193 -44.38 -17.50 12.76
N GLY B 194 -45.54 -17.89 13.29
CA GLY B 194 -45.88 -19.31 13.29
C GLY B 194 -46.49 -19.85 12.01
N THR B 195 -46.86 -18.98 11.06
CA THR B 195 -47.55 -19.40 9.84
C THR B 195 -46.61 -19.67 8.67
N GLN B 196 -45.68 -18.74 8.43
CA GLN B 196 -44.79 -18.83 7.28
C GLN B 196 -43.50 -19.53 7.74
N THR B 197 -43.08 -20.53 6.98
CA THR B 197 -41.84 -21.23 7.29
C THR B 197 -40.65 -20.48 6.73
N TYR B 198 -39.65 -20.25 7.58
CA TYR B 198 -38.40 -19.63 7.17
C TYR B 198 -37.26 -20.64 7.27
N ILE B 199 -36.65 -20.97 6.14
CA ILE B 199 -35.55 -21.92 6.06
C ILE B 199 -34.38 -21.21 5.43
N CYS B 200 -33.17 -21.40 5.97
CA CYS B 200 -32.01 -20.82 5.31
C CYS B 200 -31.25 -21.92 4.56
N ASN B 201 -30.60 -21.53 3.48
CA ASN B 201 -29.93 -22.44 2.56
C ASN B 201 -28.47 -22.02 2.50
N VAL B 202 -27.58 -22.85 3.06
CA VAL B 202 -26.16 -22.56 3.10
C VAL B 202 -25.41 -23.48 2.13
N ASN B 203 -24.41 -22.94 1.45
CA ASN B 203 -23.68 -23.67 0.43
C ASN B 203 -22.20 -23.32 0.57
N HIS B 204 -21.41 -24.29 1.03
CA HIS B 204 -19.96 -24.18 1.11
C HIS B 204 -19.38 -25.16 0.11
N LYS B 205 -18.79 -24.63 -0.94
CA LYS B 205 -18.43 -25.46 -2.09
C LYS B 205 -17.11 -26.15 -1.83
N PRO B 206 -16.10 -25.48 -1.25
CA PRO B 206 -14.85 -26.19 -0.95
C PRO B 206 -15.01 -27.48 -0.14
N SER B 207 -16.09 -27.63 0.63
CA SER B 207 -16.33 -28.85 1.37
C SER B 207 -17.51 -29.65 0.84
N ASN B 208 -18.12 -29.23 -0.28
CA ASN B 208 -19.24 -29.95 -0.87
C ASN B 208 -20.39 -30.06 0.13
N THR B 209 -20.55 -29.00 0.90
CA THR B 209 -21.56 -28.92 1.95
C THR B 209 -22.72 -28.11 1.43
N LYS B 210 -23.93 -28.60 1.67
CA LYS B 210 -25.16 -27.89 1.37
C LYS B 210 -26.09 -28.19 2.52
N VAL B 211 -26.55 -27.16 3.22
CA VAL B 211 -27.36 -27.32 4.42
C VAL B 211 -28.61 -26.47 4.28
N ASP B 212 -29.76 -27.05 4.59
CA ASP B 212 -30.95 -26.27 4.84
C ASP B 212 -31.30 -26.42 6.31
N LYS B 213 -31.70 -25.32 6.93
CA LYS B 213 -31.96 -25.29 8.35
C LYS B 213 -33.20 -24.44 8.56
N LYS B 214 -34.24 -25.05 9.12
CA LYS B 214 -35.45 -24.34 9.45
C LYS B 214 -35.24 -23.55 10.73
N VAL B 215 -35.80 -22.34 10.80
CA VAL B 215 -35.64 -21.44 11.93
C VAL B 215 -37.04 -21.07 12.43
N GLU B 216 -37.35 -21.47 13.65
CA GLU B 216 -38.71 -21.50 14.15
C GLU B 216 -38.69 -20.96 15.58
N PRO B 217 -39.78 -20.33 16.04
CA PRO B 217 -39.68 -19.81 17.41
C PRO B 217 -39.56 -20.91 18.45
N ASP C 1 9.07 6.66 4.76
CA ASP C 1 9.69 7.77 5.49
C ASP C 1 8.93 9.05 5.11
N ILE C 2 8.33 9.08 3.91
CA ILE C 2 7.40 10.15 3.52
C ILE C 2 5.99 9.63 3.75
N GLN C 3 5.35 10.05 4.85
CA GLN C 3 4.08 9.49 5.24
C GLN C 3 2.92 10.28 4.65
N MET C 4 1.92 9.57 4.18
CA MET C 4 0.77 10.18 3.53
C MET C 4 -0.42 10.09 4.48
N THR C 5 -1.13 11.21 4.65
CA THR C 5 -2.30 11.24 5.51
C THR C 5 -3.49 11.69 4.68
N GLN C 6 -4.45 10.80 4.43
CA GLN C 6 -5.69 11.18 3.78
C GLN C 6 -6.49 11.65 4.93
N SER C 7 -7.29 12.69 4.78
CA SER C 7 -7.73 13.47 5.93
C SER C 7 -9.14 13.11 6.40
N PRO C 8 -10.19 13.08 5.54
CA PRO C 8 -11.44 12.43 5.97
C PRO C 8 -11.30 10.94 5.71
N SER C 9 -11.44 10.11 6.74
CA SER C 9 -11.38 8.68 6.43
C SER C 9 -12.62 8.23 5.67
N SER C 10 -13.74 8.91 5.90
CA SER C 10 -15.03 8.62 5.28
C SER C 10 -15.71 9.95 5.01
N LEU C 11 -16.16 10.15 3.77
CA LEU C 11 -16.86 11.36 3.37
C LEU C 11 -18.19 10.98 2.74
N SER C 12 -19.28 11.39 3.35
CA SER C 12 -20.61 11.10 2.83
C SER C 12 -21.09 12.28 2.00
N ALA C 13 -21.51 12.01 0.77
CA ALA C 13 -21.93 13.06 -0.15
C ALA C 13 -23.02 12.51 -1.07
N SER C 14 -23.61 13.42 -1.87
CA SER C 14 -24.80 13.15 -2.67
C SER C 14 -24.50 13.29 -4.16
N VAL C 15 -25.31 12.61 -4.99
CA VAL C 15 -25.15 12.74 -6.44
C VAL C 15 -25.37 14.20 -6.85
N GLY C 16 -24.39 14.74 -7.55
CA GLY C 16 -24.45 16.09 -8.05
C GLY C 16 -23.53 17.05 -7.35
N ASP C 17 -22.90 16.62 -6.26
CA ASP C 17 -22.14 17.49 -5.36
C ASP C 17 -20.75 17.73 -5.92
N ARG C 18 -20.12 18.78 -5.41
CA ARG C 18 -18.71 19.06 -5.66
C ARG C 18 -17.98 18.58 -4.42
N VAL C 19 -17.38 17.39 -4.51
CA VAL C 19 -16.74 16.73 -3.38
C VAL C 19 -15.25 17.00 -3.49
N THR C 20 -14.65 17.45 -2.38
CA THR C 20 -13.21 17.67 -2.32
C THR C 20 -12.61 16.76 -1.26
N ILE C 21 -11.78 15.82 -1.71
CA ILE C 21 -10.95 14.96 -0.87
C ILE C 21 -9.62 15.67 -0.66
N THR C 22 -9.00 15.51 0.51
CA THR C 22 -7.63 15.98 0.66
C THR C 22 -6.64 14.87 1.00
N CYS C 23 -5.36 15.19 0.77
CA CYS C 23 -4.18 14.38 1.04
C CYS C 23 -3.13 15.29 1.64
N ARG C 24 -2.21 14.69 2.40
CA ARG C 24 -1.23 15.44 3.19
C ARG C 24 0.07 14.64 3.23
N ALA C 25 1.19 15.33 3.12
CA ALA C 25 2.50 14.68 3.04
C ALA C 25 3.42 15.16 4.14
N SER C 26 4.38 14.30 4.50
CA SER C 26 5.31 14.57 5.58
C SER C 26 6.37 15.59 5.17
N GLN C 27 6.67 15.68 3.87
CA GLN C 27 7.67 16.59 3.32
C GLN C 27 7.06 17.33 2.14
N SER C 28 7.62 18.51 1.80
CA SER C 28 7.25 19.15 0.53
C SER C 28 7.74 18.29 -0.63
N ILE C 29 6.80 17.64 -1.30
CA ILE C 29 7.11 16.78 -2.42
C ILE C 29 6.81 17.48 -3.74
N SER C 30 6.79 18.80 -3.75
CA SER C 30 6.52 19.55 -4.97
C SER C 30 5.15 19.14 -5.48
N SER C 31 5.04 18.58 -6.67
CA SER C 31 3.78 18.13 -7.25
C SER C 31 3.93 16.70 -7.75
N TYR C 32 4.74 15.91 -7.04
CA TYR C 32 4.90 14.50 -7.32
C TYR C 32 3.91 13.68 -6.46
N LEU C 33 2.64 13.94 -6.74
CA LEU C 33 1.55 13.25 -6.06
C LEU C 33 0.67 12.61 -7.13
N ASN C 34 0.27 11.35 -6.92
CA ASN C 34 -0.71 10.68 -7.77
C ASN C 34 -1.96 10.33 -6.98
N TRP C 35 -3.06 10.08 -7.70
CA TRP C 35 -4.38 9.90 -7.09
C TRP C 35 -5.06 8.70 -7.73
N TYR C 36 -5.72 7.89 -6.91
CA TYR C 36 -6.26 6.62 -7.38
C TYR C 36 -7.67 6.39 -6.87
N GLN C 37 -8.42 5.61 -7.64
CA GLN C 37 -9.75 5.16 -7.28
C GLN C 37 -9.77 3.65 -7.28
N GLN C 38 -10.48 3.07 -6.31
CA GLN C 38 -10.61 1.62 -6.22
C GLN C 38 -12.02 1.27 -5.79
N LYS C 39 -12.80 0.48 -6.72
CA LYS C 39 -14.13 0.04 -6.30
C LYS C 39 -14.01 -1.33 -5.64
N PRO C 40 -14.94 -1.72 -4.75
CA PRO C 40 -14.67 -2.89 -3.90
C PRO C 40 -14.64 -4.16 -4.74
N GLY C 41 -13.61 -4.98 -4.51
CA GLY C 41 -13.40 -6.18 -5.29
C GLY C 41 -12.66 -6.00 -6.58
N LYS C 42 -12.21 -4.79 -6.90
CA LYS C 42 -11.52 -4.48 -8.14
C LYS C 42 -10.16 -3.86 -7.85
N ALA C 43 -9.33 -3.71 -8.90
CA ALA C 43 -8.00 -3.13 -8.76
C ALA C 43 -8.05 -1.61 -8.91
N PRO C 44 -6.98 -0.92 -8.53
CA PRO C 44 -7.01 0.55 -8.57
C PRO C 44 -6.82 1.11 -9.98
N LYS C 45 -7.50 2.22 -10.24
CA LYS C 45 -7.33 3.02 -11.44
C LYS C 45 -6.60 4.31 -11.11
N LEU C 46 -5.64 4.68 -11.95
CA LEU C 46 -5.02 5.98 -11.81
C LEU C 46 -5.93 7.05 -12.39
N LEU C 47 -6.20 8.10 -11.61
CA LEU C 47 -7.04 9.22 -12.03
C LEU C 47 -6.24 10.46 -12.40
N ILE C 48 -5.31 10.85 -11.53
CA ILE C 48 -4.56 12.09 -11.67
C ILE C 48 -3.10 11.83 -11.33
N PHE C 49 -2.21 12.25 -12.21
CA PHE C 49 -0.77 12.17 -11.95
C PHE C 49 -0.18 13.56 -11.94
N ALA C 50 0.97 13.69 -11.29
CA ALA C 50 1.66 14.97 -11.22
C ALA C 50 0.77 16.02 -10.56
N ALA C 51 0.09 15.62 -9.49
CA ALA C 51 -0.78 16.47 -8.69
C ALA C 51 -2.02 17.00 -9.44
N SER C 52 -1.89 17.32 -10.74
CA SER C 52 -2.98 18.00 -11.44
C SER C 52 -3.29 17.50 -12.85
N SER C 53 -2.44 16.68 -13.49
CA SER C 53 -2.72 16.13 -14.81
C SER C 53 -3.80 15.05 -14.76
N LEU C 54 -4.66 15.04 -15.78
CA LEU C 54 -5.78 14.10 -15.83
C LEU C 54 -5.38 12.91 -16.65
N GLN C 55 -5.59 11.72 -16.10
CA GLN C 55 -5.24 10.53 -16.85
C GLN C 55 -6.19 10.39 -18.04
N THR C 56 -5.70 9.77 -19.11
CA THR C 56 -6.52 9.57 -20.29
C THR C 56 -7.56 8.49 -20.01
N GLY C 57 -8.83 8.81 -20.25
CA GLY C 57 -9.92 7.94 -19.85
C GLY C 57 -10.52 8.31 -18.52
N ALA C 58 -9.82 9.11 -17.74
CA ALA C 58 -10.43 9.67 -16.56
C ALA C 58 -11.47 10.70 -16.97
N PRO C 59 -12.64 10.70 -16.34
CA PRO C 59 -13.67 11.71 -16.64
C PRO C 59 -13.26 13.13 -16.27
N SER C 60 -13.97 14.07 -16.89
CA SER C 60 -13.61 15.48 -16.83
C SER C 60 -13.87 16.10 -15.47
N ARG C 61 -14.74 15.48 -14.66
CA ARG C 61 -15.13 16.05 -13.39
C ARG C 61 -14.06 15.89 -12.33
N PHE C 62 -13.01 15.12 -12.63
CA PHE C 62 -11.90 14.89 -11.71
C PHE C 62 -10.79 15.90 -11.95
N SER C 63 -10.33 16.55 -10.89
CA SER C 63 -9.30 17.55 -11.02
C SER C 63 -8.39 17.51 -9.80
N GLY C 64 -7.11 17.75 -10.05
CA GLY C 64 -6.11 17.73 -9.00
C GLY C 64 -5.54 19.11 -8.76
N SER C 65 -5.11 19.35 -7.54
CA SER C 65 -4.57 20.65 -7.20
C SER C 65 -3.72 20.48 -5.95
N GLY C 66 -2.63 21.22 -5.90
CA GLY C 66 -1.72 21.16 -4.77
C GLY C 66 -0.29 21.33 -5.22
N SER C 67 0.53 21.77 -4.27
CA SER C 67 1.99 21.74 -4.34
C SER C 67 2.50 21.76 -2.90
N GLY C 68 3.59 21.09 -2.68
CA GLY C 68 4.18 21.06 -1.35
C GLY C 68 3.67 19.87 -0.54
N THR C 69 2.93 20.16 0.54
CA THR C 69 2.48 19.12 1.43
C THR C 69 0.98 18.89 1.41
N ASP C 70 0.20 19.80 0.85
CA ASP C 70 -1.25 19.70 0.85
C ASP C 70 -1.73 19.54 -0.58
N PHE C 71 -2.63 18.58 -0.80
CA PHE C 71 -3.17 18.32 -2.14
C PHE C 71 -4.67 18.08 -2.04
N THR C 72 -5.33 18.16 -3.20
CA THR C 72 -6.77 18.03 -3.30
C THR C 72 -7.15 17.31 -4.58
N LEU C 73 -8.02 16.30 -4.45
CA LEU C 73 -8.75 15.72 -5.56
C LEU C 73 -10.19 16.22 -5.44
N THR C 74 -10.72 16.77 -6.52
CA THR C 74 -12.03 17.40 -6.55
C THR C 74 -12.90 16.75 -7.63
N ILE C 75 -14.14 16.42 -7.28
CA ILE C 75 -15.11 15.93 -8.23
C ILE C 75 -16.18 17.01 -8.32
N SER C 76 -16.48 17.48 -9.53
CA SER C 76 -17.34 18.67 -9.66
C SER C 76 -18.83 18.33 -9.59
N SER C 77 -19.28 17.28 -10.29
CA SER C 77 -20.58 16.65 -10.00
C SER C 77 -20.42 15.15 -9.83
N LEU C 78 -20.53 14.70 -8.59
CA LEU C 78 -20.50 13.29 -8.26
C LEU C 78 -21.55 12.54 -9.07
N GLN C 79 -21.12 11.47 -9.73
CA GLN C 79 -22.02 10.57 -10.42
C GLN C 79 -22.09 9.29 -9.60
N PRO C 80 -23.09 8.41 -9.85
CA PRO C 80 -23.21 7.22 -9.00
C PRO C 80 -21.99 6.31 -9.02
N GLU C 81 -21.24 6.31 -10.12
CA GLU C 81 -20.09 5.44 -10.34
C GLU C 81 -18.85 5.89 -9.58
N ASP C 82 -18.95 6.97 -8.80
CA ASP C 82 -17.80 7.54 -8.14
C ASP C 82 -17.78 7.26 -6.65
N PHE C 83 -18.79 6.60 -6.12
CA PHE C 83 -18.75 6.13 -4.74
C PHE C 83 -17.77 4.98 -4.64
N ALA C 84 -16.64 5.24 -4.00
CA ALA C 84 -15.50 4.34 -4.02
C ALA C 84 -14.52 4.87 -2.99
N THR C 85 -13.30 4.33 -3.02
CA THR C 85 -12.24 4.74 -2.13
C THR C 85 -11.11 5.32 -2.96
N TYR C 86 -10.63 6.49 -2.55
CA TYR C 86 -9.60 7.25 -3.25
C TYR C 86 -8.32 7.23 -2.44
N TYR C 87 -7.22 6.84 -3.09
CA TYR C 87 -5.90 6.77 -2.46
C TYR C 87 -4.96 7.79 -3.10
N CYS C 88 -4.08 8.38 -2.31
CA CYS C 88 -3.00 9.17 -2.86
C CYS C 88 -1.67 8.45 -2.65
N GLN C 89 -0.75 8.70 -3.59
CA GLN C 89 0.60 8.15 -3.68
C GLN C 89 1.62 9.26 -3.85
N GLN C 90 2.73 9.22 -3.13
CA GLN C 90 3.84 10.10 -3.47
C GLN C 90 4.86 9.43 -4.41
N SER C 91 5.44 10.24 -5.29
CA SER C 91 6.40 9.81 -6.29
C SER C 91 7.65 10.68 -6.25
N TYR C 92 8.05 11.08 -5.05
CA TYR C 92 9.16 11.99 -4.81
C TYR C 92 10.42 11.27 -4.37
N SER C 93 10.29 10.22 -3.56
CA SER C 93 11.35 9.30 -3.14
C SER C 93 10.70 7.94 -3.23
N THR C 94 10.71 7.34 -4.41
CA THR C 94 9.74 6.28 -4.58
C THR C 94 10.26 4.87 -4.39
N PRO C 95 11.55 4.56 -4.31
CA PRO C 95 11.93 3.15 -4.09
C PRO C 95 11.35 2.55 -2.80
N PRO C 96 11.16 3.33 -1.64
CA PRO C 96 10.16 2.89 -0.64
C PRO C 96 8.79 3.49 -0.90
N TYR C 97 7.76 2.70 -1.24
CA TYR C 97 6.47 3.25 -1.65
C TYR C 97 5.60 3.51 -0.44
N THR C 98 4.80 4.57 -0.50
CA THR C 98 3.85 4.87 0.55
C THR C 98 2.58 5.35 -0.11
N PHE C 99 1.44 4.87 0.36
CA PHE C 99 0.14 5.39 -0.06
C PHE C 99 -0.61 5.95 1.14
N GLY C 100 -1.51 6.86 0.87
CA GLY C 100 -2.47 7.26 1.89
C GLY C 100 -3.33 6.08 2.31
N GLN C 101 -4.02 6.26 3.44
CA GLN C 101 -4.78 5.17 4.02
C GLN C 101 -6.17 5.04 3.42
N GLY C 102 -6.57 5.94 2.54
CA GLY C 102 -7.84 5.90 1.86
C GLY C 102 -8.82 6.94 2.38
N THR C 103 -9.69 7.41 1.48
CA THR C 103 -10.92 8.09 1.81
C THR C 103 -12.04 7.33 1.10
N LYS C 104 -13.05 6.86 1.86
CA LYS C 104 -14.23 6.21 1.28
C LYS C 104 -15.37 7.22 1.14
N LEU C 105 -16.02 7.22 -0.02
CA LEU C 105 -17.20 8.05 -0.28
C LEU C 105 -18.46 7.23 -0.13
N GLU C 106 -19.23 7.53 0.91
CA GLU C 106 -20.55 6.98 1.12
C GLU C 106 -21.61 7.89 0.49
N ILE C 107 -22.85 7.40 0.52
CA ILE C 107 -24.02 8.16 0.09
C ILE C 107 -24.64 8.88 1.29
N LYS C 108 -24.78 10.20 1.20
CA LYS C 108 -25.39 10.93 2.30
C LYS C 108 -26.86 10.55 2.43
N ARG C 109 -27.37 10.62 3.65
CA ARG C 109 -28.68 10.08 3.95
C ARG C 109 -29.05 10.58 5.35
N THR C 110 -30.34 10.63 5.65
CA THR C 110 -30.76 11.17 6.95
C THR C 110 -30.47 10.16 8.06
N VAL C 111 -30.26 10.67 9.27
CA VAL C 111 -29.96 9.80 10.41
C VAL C 111 -31.07 8.78 10.63
N ALA C 112 -30.67 7.57 11.02
CA ALA C 112 -31.56 6.44 11.21
C ALA C 112 -31.05 5.65 12.41
N ALA C 113 -31.86 5.55 13.46
CA ALA C 113 -31.40 4.80 14.61
C ALA C 113 -31.60 3.31 14.36
N PRO C 114 -30.80 2.47 15.00
CA PRO C 114 -30.83 1.04 14.66
C PRO C 114 -31.88 0.30 15.47
N SER C 115 -32.38 -0.78 14.87
CA SER C 115 -33.18 -1.79 15.58
C SER C 115 -32.23 -2.84 16.13
N VAL C 116 -32.29 -3.09 17.43
CA VAL C 116 -31.35 -3.99 18.10
C VAL C 116 -32.08 -5.25 18.55
N PHE C 117 -31.54 -6.40 18.16
CA PHE C 117 -32.00 -7.70 18.61
C PHE C 117 -30.83 -8.47 19.19
N ILE C 118 -31.06 -9.18 20.29
CA ILE C 118 -30.08 -10.12 20.83
C ILE C 118 -30.61 -11.53 20.65
N PHE C 119 -29.71 -12.47 20.33
CA PHE C 119 -30.04 -13.87 20.08
C PHE C 119 -29.27 -14.79 21.02
N PRO C 120 -29.94 -15.60 21.82
CA PRO C 120 -29.24 -16.58 22.67
C PRO C 120 -28.58 -17.67 21.87
N PRO C 121 -27.69 -18.46 22.47
CA PRO C 121 -27.13 -19.61 21.76
C PRO C 121 -28.21 -20.66 21.53
N SER C 122 -28.09 -21.35 20.39
CA SER C 122 -28.95 -22.50 20.15
C SER C 122 -28.54 -23.64 21.07
N ASP C 123 -29.52 -24.44 21.47
CA ASP C 123 -29.19 -25.63 22.24
C ASP C 123 -28.42 -26.63 21.40
N GLU C 124 -28.66 -26.63 20.07
CA GLU C 124 -27.78 -27.35 19.16
C GLU C 124 -26.33 -27.03 19.44
N GLN C 125 -26.01 -25.73 19.50
CA GLN C 125 -24.62 -25.33 19.63
C GLN C 125 -24.01 -25.77 20.94
N LEU C 126 -24.80 -25.71 22.03
CA LEU C 126 -24.24 -25.95 23.35
C LEU C 126 -23.78 -27.39 23.51
N LYS C 127 -24.39 -28.33 22.76
CA LYS C 127 -23.93 -29.71 22.81
C LYS C 127 -22.46 -29.81 22.44
N SER C 128 -22.03 -28.99 21.48
CA SER C 128 -20.64 -28.93 21.02
C SER C 128 -19.70 -28.23 21.99
N GLY C 129 -20.21 -27.70 23.10
CA GLY C 129 -19.37 -27.09 24.12
C GLY C 129 -19.09 -25.61 23.97
N THR C 130 -19.58 -24.98 22.89
CA THR C 130 -19.32 -23.58 22.55
C THR C 130 -20.62 -22.79 22.49
N ALA C 131 -20.59 -21.58 23.05
CA ALA C 131 -21.77 -20.72 23.13
C ALA C 131 -21.44 -19.39 22.46
N SER C 132 -22.18 -19.06 21.42
CA SER C 132 -21.96 -17.80 20.73
C SER C 132 -23.26 -17.00 20.77
N VAL C 133 -23.14 -15.73 21.13
CA VAL C 133 -24.27 -14.86 21.40
C VAL C 133 -24.22 -13.73 20.39
N VAL C 134 -25.34 -13.47 19.76
CA VAL C 134 -25.35 -12.59 18.60
C VAL C 134 -26.18 -11.35 18.92
N CYS C 135 -25.68 -10.20 18.49
CA CYS C 135 -26.37 -8.94 18.58
C CYS C 135 -26.41 -8.33 17.19
N LEU C 136 -27.62 -8.05 16.71
CA LEU C 136 -27.87 -7.40 15.43
C LEU C 136 -28.17 -5.92 15.66
N LEU C 137 -27.56 -5.05 14.87
CA LEU C 137 -27.95 -3.65 14.74
C LEU C 137 -28.44 -3.47 13.31
N ASN C 138 -29.75 -3.28 13.13
CA ASN C 138 -30.33 -3.42 11.79
C ASN C 138 -30.75 -2.05 11.26
N ASN C 139 -30.36 -1.76 10.01
CA ASN C 139 -30.70 -0.56 9.21
C ASN C 139 -30.53 0.78 9.89
N PHE C 140 -29.29 1.22 10.07
CA PHE C 140 -28.96 2.51 10.70
C PHE C 140 -28.07 3.28 9.75
N TYR C 141 -27.98 4.59 9.97
CA TYR C 141 -27.06 5.50 9.25
C TYR C 141 -26.87 6.57 10.31
N PRO C 142 -25.66 7.07 10.51
CA PRO C 142 -24.30 6.87 10.01
C PRO C 142 -23.69 5.52 10.41
N ARG C 143 -22.59 5.13 9.76
CA ARG C 143 -21.97 3.84 10.05
C ARG C 143 -21.42 3.74 11.46
N GLU C 144 -21.27 4.85 12.17
CA GLU C 144 -20.51 4.86 13.41
C GLU C 144 -21.43 4.45 14.54
N ALA C 145 -21.16 3.31 15.16
CA ALA C 145 -21.97 2.87 16.28
C ALA C 145 -21.07 2.13 17.25
N LYS C 146 -21.50 2.04 18.50
CA LYS C 146 -20.72 1.37 19.53
C LYS C 146 -21.60 0.34 20.24
N VAL C 147 -21.08 -0.88 20.33
CA VAL C 147 -21.73 -2.03 20.94
C VAL C 147 -20.91 -2.47 22.13
N GLN C 148 -21.55 -2.61 23.27
CA GLN C 148 -20.89 -2.99 24.52
C GLN C 148 -21.62 -4.21 25.09
N TRP C 149 -20.88 -5.29 25.32
CA TRP C 149 -21.45 -6.50 25.91
C TRP C 149 -21.28 -6.47 27.42
N LYS C 150 -22.37 -6.74 28.13
CA LYS C 150 -22.35 -6.86 29.58
C LYS C 150 -22.82 -8.26 29.92
N VAL C 151 -22.01 -9.03 30.66
CA VAL C 151 -22.46 -10.29 31.28
C VAL C 151 -22.52 -10.06 32.78
N ASP C 152 -23.70 -10.29 33.35
CA ASP C 152 -23.99 -10.02 34.75
C ASP C 152 -23.46 -8.63 35.13
N ASN C 153 -23.71 -7.65 34.24
CA ASN C 153 -23.20 -6.27 34.31
C ASN C 153 -21.67 -6.18 34.34
N ALA C 154 -20.95 -7.11 33.76
CA ALA C 154 -19.50 -6.99 33.66
C ALA C 154 -19.17 -6.75 32.19
N LEU C 155 -18.81 -5.50 31.87
CA LEU C 155 -18.38 -5.15 30.51
C LEU C 155 -17.39 -6.17 29.96
N GLN C 156 -17.64 -6.65 28.76
CA GLN C 156 -16.76 -7.64 28.16
C GLN C 156 -15.74 -6.98 27.23
N SER C 157 -14.64 -7.67 27.02
CA SER C 157 -13.60 -7.15 26.14
C SER C 157 -12.70 -8.29 25.72
N GLY C 158 -12.39 -8.34 24.42
CA GLY C 158 -11.48 -9.32 23.89
C GLY C 158 -12.08 -10.66 23.55
N ASN C 159 -13.39 -10.82 23.72
CA ASN C 159 -14.13 -12.03 23.34
C ASN C 159 -15.32 -11.66 22.46
N SER C 160 -15.14 -10.63 21.62
CA SER C 160 -16.19 -10.12 20.74
C SER C 160 -15.62 -10.05 19.35
N GLN C 161 -16.47 -10.16 18.35
CA GLN C 161 -16.09 -9.90 16.97
C GLN C 161 -17.28 -9.31 16.24
N GLU C 162 -17.02 -8.46 15.26
CA GLU C 162 -18.17 -7.85 14.61
C GLU C 162 -17.89 -7.60 13.14
N SER C 163 -18.98 -7.50 12.40
CA SER C 163 -19.01 -7.46 10.95
C SER C 163 -20.06 -6.43 10.57
N VAL C 164 -19.86 -5.74 9.44
CA VAL C 164 -20.77 -4.69 9.02
C VAL C 164 -21.05 -4.85 7.54
N THR C 165 -22.28 -4.55 7.13
CA THR C 165 -22.61 -4.66 5.71
C THR C 165 -22.15 -3.43 4.96
N GLU C 166 -22.15 -3.53 3.64
CA GLU C 166 -22.02 -2.33 2.84
C GLU C 166 -23.36 -1.60 2.80
N GLN C 167 -23.28 -0.32 2.45
CA GLN C 167 -24.47 0.53 2.38
C GLN C 167 -25.53 -0.10 1.48
N ASP C 168 -26.76 -0.12 1.97
CA ASP C 168 -27.84 -0.84 1.31
C ASP C 168 -28.25 -0.18 0.00
N SER C 169 -28.35 -0.97 -1.06
CA SER C 169 -28.67 -0.46 -2.39
C SER C 169 -30.02 0.27 -2.44
N LYS C 170 -30.87 0.16 -1.40
CA LYS C 170 -32.21 0.74 -1.36
C LYS C 170 -32.47 1.71 -0.21
N ASP C 171 -31.97 1.41 1.01
CA ASP C 171 -32.09 2.27 2.20
C ASP C 171 -30.95 3.24 2.35
N SER C 172 -29.79 2.94 1.76
CA SER C 172 -28.50 3.52 2.09
C SER C 172 -28.10 3.34 3.57
N THR C 173 -28.64 2.35 4.27
CA THR C 173 -28.30 2.18 5.68
C THR C 173 -27.24 1.09 5.82
N TYR C 174 -26.71 0.97 7.03
CA TYR C 174 -25.77 -0.10 7.36
C TYR C 174 -26.44 -1.06 8.32
N SER C 175 -25.88 -2.26 8.42
CA SER C 175 -26.29 -3.20 9.46
C SER C 175 -25.07 -3.88 10.03
N LEU C 176 -25.13 -4.17 11.32
CA LEU C 176 -23.98 -4.70 12.04
C LEU C 176 -24.37 -5.91 12.90
N SER C 177 -23.47 -6.89 12.98
CA SER C 177 -23.61 -8.02 13.90
C SER C 177 -22.40 -8.05 14.84
N SER C 178 -22.63 -8.37 16.10
CA SER C 178 -21.54 -8.62 17.04
C SER C 178 -21.71 -10.01 17.63
N THR C 179 -20.62 -10.77 17.72
CA THR C 179 -20.72 -12.13 18.23
C THR C 179 -19.80 -12.28 19.44
N LEU C 180 -20.42 -12.64 20.57
CA LEU C 180 -19.74 -12.86 21.85
C LEU C 180 -19.54 -14.35 22.02
N THR C 181 -18.31 -14.82 21.89
CA THR C 181 -18.02 -16.25 21.86
C THR C 181 -17.40 -16.66 23.17
N LEU C 182 -17.99 -17.65 23.81
CA LEU C 182 -17.47 -18.13 25.09
C LEU C 182 -17.81 -19.61 25.25
N SER C 183 -17.28 -20.20 26.32
CA SER C 183 -17.44 -21.64 26.54
C SER C 183 -18.80 -21.96 27.16
N LYS C 184 -19.30 -23.16 26.90
CA LYS C 184 -20.52 -23.59 27.59
C LYS C 184 -20.33 -23.48 29.11
N ALA C 185 -19.17 -23.90 29.61
CA ALA C 185 -18.92 -23.88 31.04
C ALA C 185 -19.04 -22.47 31.60
N ASP C 186 -18.43 -21.49 30.94
CA ASP C 186 -18.59 -20.11 31.39
C ASP C 186 -20.00 -19.59 31.11
N TYR C 187 -20.58 -19.97 29.96
CA TYR C 187 -21.92 -19.50 29.66
C TYR C 187 -22.87 -19.89 30.78
N GLU C 188 -22.80 -21.14 31.22
CA GLU C 188 -23.77 -21.56 32.21
C GLU C 188 -23.50 -20.99 33.59
N LYS C 189 -22.32 -20.40 33.80
CA LYS C 189 -21.95 -19.78 35.06
C LYS C 189 -22.58 -18.39 35.26
N HIS C 190 -23.35 -17.88 34.31
CA HIS C 190 -23.81 -16.51 34.35
C HIS C 190 -25.23 -16.41 33.84
N LYS C 191 -25.96 -15.39 34.31
CA LYS C 191 -27.39 -15.30 34.01
C LYS C 191 -27.76 -14.19 33.05
N VAL C 192 -27.28 -12.97 33.20
CA VAL C 192 -27.77 -11.86 32.39
C VAL C 192 -26.77 -11.53 31.29
N TYR C 193 -27.17 -11.77 30.04
CA TYR C 193 -26.40 -11.40 28.86
C TYR C 193 -27.08 -10.20 28.22
N ALA C 194 -26.30 -9.21 27.79
CA ALA C 194 -26.90 -7.94 27.45
C ALA C 194 -26.08 -7.24 26.37
N CYS C 195 -26.73 -6.30 25.68
CA CYS C 195 -26.17 -5.64 24.50
C CYS C 195 -26.48 -4.15 24.63
N GLU C 196 -25.45 -3.33 24.82
CA GLU C 196 -25.66 -1.89 24.97
C GLU C 196 -25.15 -1.21 23.73
N VAL C 197 -26.07 -0.55 23.00
CA VAL C 197 -25.80 0.12 21.73
C VAL C 197 -25.85 1.63 21.94
N THR C 198 -24.83 2.31 21.43
CA THR C 198 -24.78 3.77 21.37
C THR C 198 -24.80 4.17 19.91
N HIS C 199 -25.63 5.17 19.57
CA HIS C 199 -25.70 5.65 18.20
C HIS C 199 -26.29 7.06 18.15
N GLN C 200 -25.96 7.76 17.06
CA GLN C 200 -26.20 9.19 16.98
C GLN C 200 -27.68 9.50 16.91
N GLY C 201 -28.45 8.63 16.25
CA GLY C 201 -29.90 8.68 16.23
C GLY C 201 -30.61 8.12 17.45
N LEU C 202 -29.90 7.66 18.48
CA LEU C 202 -30.52 7.30 19.75
C LEU C 202 -30.19 8.35 20.79
N SER C 203 -31.20 8.72 21.58
CA SER C 203 -31.02 9.76 22.60
C SER C 203 -30.20 9.23 23.76
N SER C 204 -30.46 8.00 24.15
CA SER C 204 -29.73 7.33 25.21
C SER C 204 -29.48 5.93 24.72
N PRO C 205 -28.54 5.20 25.32
CA PRO C 205 -28.22 3.87 24.82
C PRO C 205 -29.41 2.94 24.98
N VAL C 206 -29.54 1.98 24.06
CA VAL C 206 -30.59 0.98 24.16
C VAL C 206 -29.94 -0.35 24.50
N THR C 207 -30.54 -1.06 25.45
CA THR C 207 -29.94 -2.26 26.01
C THR C 207 -30.94 -3.38 25.88
N LYS C 208 -30.67 -4.34 25.01
CA LYS C 208 -31.47 -5.55 24.89
C LYS C 208 -30.76 -6.69 25.62
N SER C 209 -31.54 -7.54 26.27
CA SER C 209 -30.93 -8.57 27.09
C SER C 209 -31.82 -9.79 27.16
N PHE C 210 -31.24 -10.87 27.69
CA PHE C 210 -31.96 -12.08 28.03
C PHE C 210 -31.35 -12.69 29.29
N ASN C 211 -32.13 -13.52 29.96
CA ASN C 211 -31.70 -14.25 31.14
C ASN C 211 -31.56 -15.70 30.70
N ARG C 212 -30.34 -16.24 30.74
CA ARG C 212 -30.11 -17.65 30.39
C ARG C 212 -31.14 -18.55 31.08
N GLY C 213 -31.80 -19.39 30.28
CA GLY C 213 -32.93 -20.18 30.77
C GLY C 213 -34.17 -19.38 31.10
N GLU C 214 -34.73 -18.68 30.11
CA GLU C 214 -36.01 -17.95 30.23
C GLU C 214 -36.46 -17.46 28.85
#